data_6X2D
#
_entry.id   6X2D
#
_cell.length_a   40.614
_cell.length_b   58.812
_cell.length_c   47.046
_cell.angle_alpha   90.000
_cell.angle_beta   108.160
_cell.angle_gamma   90.000
#
_symmetry.space_group_name_H-M   'P 1 21 1'
#
loop_
_entity.id
_entity.type
_entity.pdbx_description
1 polymer 'Ribonuclease E'
2 non-polymer 'IODIDE ION'
3 water water
#
_entity_poly.entity_id   1
_entity_poly.type   'polypeptide(L)'
_entity_poly.pdbx_seq_one_letter_code
;SNAQREVRLPSGGSIVIDPTEALTSIDINSARATKGGDIEETALNTNLEAADEIARQLRLRDLGGLVVIDFID(MSE)TP
VRHQREVENRLREAVRVDRARVQIGRISRFGLLE(MSE)SRQR
;
_entity_poly.pdbx_strand_id   A,B
#
# COMPACT_ATOMS: atom_id res chain seq x y z
N GLN A 4 13.88 10.96 12.70
CA GLN A 4 14.09 10.79 11.23
C GLN A 4 13.02 9.79 10.75
N ARG A 5 12.76 8.75 11.55
CA ARG A 5 11.72 7.73 11.23
C ARG A 5 10.34 8.23 11.67
N GLU A 6 10.26 8.92 12.82
CA GLU A 6 8.98 9.46 13.34
C GLU A 6 9.06 10.99 13.37
N VAL A 7 8.12 11.65 12.70
CA VAL A 7 8.07 13.15 12.66
C VAL A 7 6.81 13.60 13.39
N ARG A 8 6.97 14.38 14.47
CA ARG A 8 5.82 14.88 15.28
C ARG A 8 5.08 15.95 14.47
N LEU A 9 3.76 16.03 14.63
CA LEU A 9 2.95 17.05 13.92
C LEU A 9 2.63 18.20 14.90
N PRO A 10 2.27 19.40 14.38
CA PRO A 10 1.96 20.54 15.23
C PRO A 10 0.97 20.33 16.39
N SER A 11 -0.07 19.54 16.17
CA SER A 11 -1.12 19.32 17.21
C SER A 11 -0.81 18.10 18.10
N GLY A 12 0.39 17.52 18.03
CA GLY A 12 0.74 16.38 18.91
C GLY A 12 0.83 15.04 18.20
N GLY A 13 0.09 14.85 17.11
CA GLY A 13 0.12 13.57 16.36
C GLY A 13 1.48 13.31 15.74
N SER A 14 1.59 12.29 14.88
CA SER A 14 2.90 12.03 14.23
C SER A 14 2.71 11.19 12.97
N ILE A 15 3.75 11.19 12.13
CA ILE A 15 3.80 10.33 10.92
C ILE A 15 5.03 9.43 11.10
N VAL A 16 4.89 8.16 10.75
CA VAL A 16 6.00 7.18 10.84
C VAL A 16 6.28 6.74 9.40
N ILE A 17 7.51 6.98 8.92
CA ILE A 17 7.92 6.65 7.54
C ILE A 17 8.72 5.35 7.53
N ASP A 18 8.16 4.30 6.93
CA ASP A 18 8.80 2.95 6.88
C ASP A 18 9.14 2.51 5.46
N PRO A 19 10.42 2.53 5.05
CA PRO A 19 10.80 2.03 3.74
C PRO A 19 10.65 0.49 3.67
N THR A 20 10.28 -0.02 2.49
CA THR A 20 10.16 -1.49 2.25
C THR A 20 10.68 -1.73 0.84
N GLU A 21 10.80 -2.99 0.43
CA GLU A 21 11.34 -3.34 -0.89
C GLU A 21 10.49 -2.73 -2.01
N ALA A 22 9.16 -2.90 -1.93
CA ALA A 22 8.20 -2.45 -2.97
C ALA A 22 7.81 -0.97 -2.83
N LEU A 23 7.80 -0.43 -1.61
CA LEU A 23 7.29 0.95 -1.46
C LEU A 23 7.62 1.55 -0.08
N THR A 24 7.25 2.81 0.13
CA THR A 24 7.45 3.51 1.41
C THR A 24 6.08 3.54 2.10
N SER A 25 5.94 3.00 3.31
CA SER A 25 4.60 3.13 3.94
C SER A 25 4.65 4.26 4.99
N ILE A 26 3.61 5.07 5.06
CA ILE A 26 3.60 6.18 6.07
C ILE A 26 2.38 6.00 6.95
N ASP A 27 2.60 5.88 8.26
CA ASP A 27 1.48 5.71 9.21
C ASP A 27 1.23 7.06 9.90
N ILE A 28 -0.03 7.37 10.17
CA ILE A 28 -0.38 8.65 10.87
C ILE A 28 -1.03 8.30 12.22
N ASN A 29 -0.51 8.90 13.29
CA ASN A 29 -0.99 8.73 14.69
C ASN A 29 -1.54 10.06 15.20
N SER A 30 -2.72 10.04 15.84
CA SER A 30 -3.29 11.29 16.44
C SER A 30 -2.69 11.46 17.84
N ALA A 31 -2.97 12.60 18.49
CA ALA A 31 -2.47 12.93 19.84
C ALA A 31 -2.97 11.89 20.85
N GLY A 36 -10.68 15.79 25.66
CA GLY A 36 -10.63 15.59 24.20
C GLY A 36 -11.82 16.21 23.50
N GLY A 37 -11.64 16.64 22.25
CA GLY A 37 -12.70 17.28 21.43
C GLY A 37 -13.48 16.25 20.62
N ASP A 38 -13.85 16.62 19.38
CA ASP A 38 -14.62 15.73 18.46
C ASP A 38 -13.61 14.92 17.62
N ILE A 39 -13.82 13.60 17.53
CA ILE A 39 -12.91 12.68 16.80
C ILE A 39 -12.75 13.11 15.32
N GLU A 40 -13.86 13.12 14.56
CA GLU A 40 -13.84 13.47 13.11
C GLU A 40 -13.13 14.80 12.85
N GLU A 41 -13.30 15.80 13.72
CA GLU A 41 -12.61 17.11 13.50
C GLU A 41 -11.12 16.99 13.83
N THR A 42 -10.75 16.21 14.86
CA THR A 42 -9.31 16.03 15.21
C THR A 42 -8.67 15.15 14.14
N ALA A 43 -9.39 14.14 13.64
CA ALA A 43 -8.89 13.25 12.57
C ALA A 43 -8.57 14.10 11.34
N LEU A 44 -9.54 14.90 10.90
CA LEU A 44 -9.35 15.80 9.72
C LEU A 44 -8.13 16.70 9.95
N ASN A 45 -8.05 17.40 11.10
CA ASN A 45 -6.95 18.33 11.45
C ASN A 45 -5.60 17.59 11.38
N THR A 46 -5.51 16.44 12.07
CA THR A 46 -4.26 15.64 12.07
C THR A 46 -3.87 15.24 10.63
N ASN A 47 -4.84 14.72 9.86
CA ASN A 47 -4.58 14.31 8.45
C ASN A 47 -4.11 15.50 7.61
N LEU A 48 -4.69 16.69 7.82
CA LEU A 48 -4.25 17.89 7.05
C LEU A 48 -2.81 18.25 7.44
N GLU A 49 -2.50 18.20 8.73
CA GLU A 49 -1.12 18.47 9.20
C GLU A 49 -0.18 17.40 8.60
N ALA A 50 -0.66 16.15 8.53
CA ALA A 50 0.13 15.02 7.98
C ALA A 50 0.42 15.23 6.49
N ALA A 51 -0.57 15.69 5.72
CA ALA A 51 -0.38 15.94 4.27
C ALA A 51 0.79 16.90 4.03
N ASP A 52 0.80 18.04 4.74
CA ASP A 52 1.88 19.05 4.60
C ASP A 52 3.25 18.45 4.95
N GLU A 53 3.32 17.73 6.07
CA GLU A 53 4.62 17.16 6.52
C GLU A 53 5.07 16.09 5.53
N ILE A 54 4.14 15.29 5.01
CA ILE A 54 4.46 14.21 4.03
C ILE A 54 5.07 14.87 2.79
N ALA A 55 4.45 15.94 2.28
CA ALA A 55 5.00 16.63 1.10
C ALA A 55 6.44 17.09 1.37
N ARG A 56 6.68 17.68 2.54
CA ARG A 56 8.03 18.18 2.92
C ARG A 56 9.02 17.01 2.99
N GLN A 57 8.64 15.93 3.65
CA GLN A 57 9.53 14.74 3.83
C GLN A 57 9.80 14.07 2.47
N LEU A 58 8.83 14.09 1.55
CA LEU A 58 9.07 13.47 0.22
C LEU A 58 10.22 14.19 -0.47
N ARG A 59 10.30 15.50 -0.26
CA ARG A 59 11.32 16.36 -0.92
C ARG A 59 12.68 16.23 -0.22
N LEU A 60 12.70 16.33 1.12
CA LEU A 60 13.96 16.30 1.92
C LEU A 60 14.69 14.97 1.74
N ARG A 61 13.95 13.86 1.90
CA ARG A 61 14.48 12.48 1.81
C ARG A 61 14.60 12.09 0.32
N ASP A 62 14.02 12.91 -0.57
CA ASP A 62 14.02 12.69 -2.04
C ASP A 62 13.56 11.26 -2.33
N LEU A 63 12.42 10.87 -1.75
CA LEU A 63 11.86 9.51 -1.96
C LEU A 63 11.30 9.36 -3.38
N GLY A 64 11.47 8.19 -3.95
CA GLY A 64 10.99 7.86 -5.31
C GLY A 64 10.15 6.60 -5.27
N GLY A 65 9.35 6.36 -6.30
CA GLY A 65 8.53 5.14 -6.34
C GLY A 65 7.17 5.31 -5.71
N LEU A 66 6.62 4.21 -5.17
CA LEU A 66 5.25 4.19 -4.60
C LEU A 66 5.27 4.50 -3.11
N VAL A 67 4.26 5.24 -2.68
CA VAL A 67 4.11 5.62 -1.25
C VAL A 67 2.67 5.27 -0.89
N VAL A 68 2.49 4.59 0.24
CA VAL A 68 1.14 4.24 0.72
C VAL A 68 1.00 4.94 2.07
N ILE A 69 -0.03 5.76 2.21
CA ILE A 69 -0.29 6.57 3.42
C ILE A 69 -1.54 6.06 4.11
N ASP A 70 -1.41 5.76 5.41
CA ASP A 70 -2.54 5.32 6.25
C ASP A 70 -3.04 6.53 7.05
N PHE A 71 -3.91 7.33 6.45
CA PHE A 71 -4.48 8.51 7.15
C PHE A 71 -5.45 8.03 8.22
N ILE A 72 -5.72 8.84 9.23
CA ILE A 72 -6.72 8.46 10.26
C ILE A 72 -8.06 8.37 9.53
N ASP A 73 -8.82 7.29 9.76
CA ASP A 73 -10.11 7.09 9.04
C ASP A 73 -11.10 8.20 9.34
N THR A 75 -15.17 9.47 8.16
CA THR A 75 -16.39 8.93 7.56
C THR A 75 -16.89 9.82 6.43
N PRO A 76 -16.92 11.17 6.57
CA PRO A 76 -17.40 12.03 5.48
C PRO A 76 -16.46 11.97 4.26
N VAL A 77 -17.03 11.65 3.09
CA VAL A 77 -16.22 11.56 1.84
C VAL A 77 -15.58 12.93 1.56
N ARG A 78 -16.30 14.04 1.84
CA ARG A 78 -15.76 15.42 1.63
C ARG A 78 -14.43 15.59 2.38
N HIS A 79 -14.36 15.07 3.62
CA HIS A 79 -13.13 15.11 4.45
C HIS A 79 -11.99 14.36 3.72
N GLN A 80 -12.32 13.22 3.12
CA GLN A 80 -11.32 12.44 2.35
C GLN A 80 -10.83 13.29 1.17
N ARG A 81 -11.75 13.93 0.43
CA ARG A 81 -11.35 14.79 -0.72
C ARG A 81 -10.52 15.97 -0.21
N GLU A 82 -10.88 16.57 0.92
CA GLU A 82 -10.13 17.71 1.50
C GLU A 82 -8.68 17.30 1.77
N VAL A 83 -8.47 16.09 2.34
CA VAL A 83 -7.09 15.61 2.64
C VAL A 83 -6.35 15.36 1.33
N GLU A 84 -6.95 14.62 0.39
CA GLU A 84 -6.33 14.36 -0.94
C GLU A 84 -5.95 15.70 -1.60
N ASN A 85 -6.86 16.66 -1.61
CA ASN A 85 -6.63 18.01 -2.22
C ASN A 85 -5.47 18.73 -1.51
N ARG A 86 -5.44 18.62 -0.18
CA ARG A 86 -4.36 19.25 0.63
C ARG A 86 -3.02 18.65 0.17
N LEU A 87 -2.95 17.32 0.01
CA LEU A 87 -1.69 16.65 -0.38
C LEU A 87 -1.33 17.08 -1.81
N ARG A 88 -2.30 17.10 -2.72
CA ARG A 88 -2.02 17.47 -4.13
C ARG A 88 -1.53 18.93 -4.18
N GLU A 89 -2.18 19.84 -3.46
CA GLU A 89 -1.70 21.24 -3.45
C GLU A 89 -0.30 21.31 -2.82
N ALA A 90 -0.08 20.58 -1.72
CA ALA A 90 1.23 20.64 -1.02
C ALA A 90 2.38 20.17 -1.92
N VAL A 91 2.14 19.17 -2.78
CA VAL A 91 3.26 18.65 -3.62
C VAL A 91 3.40 19.39 -4.96
N ARG A 92 2.46 20.28 -5.33
CA ARG A 92 2.57 20.89 -6.69
C ARG A 92 3.83 21.76 -6.85
N VAL A 93 4.47 22.19 -5.76
CA VAL A 93 5.71 23.03 -5.85
C VAL A 93 6.94 22.13 -6.02
N ASP A 94 6.79 20.84 -5.71
CA ASP A 94 7.89 19.85 -5.81
C ASP A 94 8.35 19.79 -7.29
N ARG A 95 9.65 19.71 -7.54
CA ARG A 95 10.11 19.63 -8.96
C ARG A 95 9.86 18.21 -9.50
N ALA A 96 9.75 17.21 -8.61
CA ALA A 96 9.50 15.81 -9.04
C ALA A 96 8.03 15.65 -9.46
N ARG A 97 7.77 14.84 -10.49
CA ARG A 97 6.38 14.58 -10.95
C ARG A 97 5.70 13.67 -9.92
N VAL A 98 4.58 14.12 -9.34
CA VAL A 98 3.85 13.34 -8.29
C VAL A 98 2.43 13.01 -8.76
N GLN A 99 2.03 11.75 -8.56
CA GLN A 99 0.68 11.21 -8.90
C GLN A 99 0.01 10.84 -7.57
N ILE A 100 -1.23 11.28 -7.35
CA ILE A 100 -1.91 10.99 -6.06
C ILE A 100 -3.24 10.29 -6.34
N GLY A 101 -3.47 9.12 -5.73
CA GLY A 101 -4.73 8.39 -5.91
C GLY A 101 -5.82 8.95 -5.00
N ARG A 102 -6.75 8.10 -4.60
CA ARG A 102 -7.88 8.44 -3.69
C ARG A 102 -7.83 7.50 -2.49
N ILE A 103 -8.35 7.95 -1.36
CA ILE A 103 -8.42 7.07 -0.16
C ILE A 103 -9.35 5.89 -0.49
N SER A 104 -8.85 4.66 -0.29
CA SER A 104 -9.58 3.41 -0.59
C SER A 104 -10.53 3.03 0.55
N ARG A 105 -11.29 1.94 0.37
CA ARG A 105 -12.22 1.47 1.43
C ARG A 105 -11.38 0.91 2.59
N PHE A 106 -10.06 0.75 2.38
CA PHE A 106 -9.14 0.25 3.44
C PHE A 106 -8.52 1.44 4.19
N GLY A 107 -8.92 2.66 3.82
CA GLY A 107 -8.40 3.88 4.48
C GLY A 107 -6.97 4.20 4.06
N LEU A 108 -6.49 3.64 2.94
CA LEU A 108 -5.11 3.91 2.47
C LEU A 108 -5.11 4.79 1.23
N LEU A 109 -4.06 5.62 1.11
N LEU A 109 -4.08 5.65 1.08
CA LEU A 109 -3.86 6.48 -0.08
CA LEU A 109 -3.95 6.49 -0.13
C LEU A 109 -2.60 6.02 -0.79
C LEU A 109 -2.62 6.14 -0.81
N GLU A 110 -2.69 5.76 -2.09
CA GLU A 110 -1.49 5.37 -2.89
C GLU A 110 -1.07 6.59 -3.69
N SER A 112 2.66 8.15 -6.14
CA SER A 112 3.95 7.86 -6.73
C SER A 112 4.72 9.18 -6.92
N ARG A 113 6.05 9.10 -6.89
CA ARG A 113 6.95 10.27 -7.06
C ARG A 113 8.14 9.82 -7.91
N GLN A 114 8.33 10.44 -9.09
CA GLN A 114 9.45 10.10 -10.00
C GLN A 114 10.74 10.78 -9.50
N ARG A 115 11.65 9.97 -8.93
CA ARG A 115 12.98 10.41 -8.39
C ARG A 115 13.00 10.16 -6.87
N GLN B 4 13.00 -16.29 5.85
CA GLN B 4 11.51 -16.23 6.04
C GLN B 4 10.99 -14.90 5.49
N ARG B 5 11.87 -13.90 5.31
CA ARG B 5 11.44 -12.60 4.74
C ARG B 5 11.20 -12.78 3.23
N GLU B 6 12.02 -13.62 2.59
CA GLU B 6 11.91 -13.92 1.14
C GLU B 6 11.54 -15.41 0.96
N VAL B 7 10.47 -15.66 0.19
CA VAL B 7 9.92 -17.03 -0.10
C VAL B 7 10.03 -17.28 -1.61
N ARG B 8 10.71 -18.35 -2.02
CA ARG B 8 10.89 -18.64 -3.47
C ARG B 8 9.58 -19.19 -4.06
N LEU B 9 9.34 -18.86 -5.34
CA LEU B 9 8.13 -19.32 -6.06
C LEU B 9 8.53 -20.49 -6.96
N PRO B 10 7.57 -21.39 -7.29
CA PRO B 10 7.86 -22.56 -8.11
C PRO B 10 8.72 -22.30 -9.35
N SER B 11 8.43 -21.23 -10.10
CA SER B 11 9.15 -20.88 -11.36
C SER B 11 10.41 -20.03 -11.08
N GLY B 12 10.93 -20.06 -9.84
CA GLY B 12 12.18 -19.34 -9.50
C GLY B 12 11.96 -17.92 -8.99
N GLY B 13 10.77 -17.36 -9.15
CA GLY B 13 10.49 -15.99 -8.66
C GLY B 13 10.43 -15.95 -7.14
N SER B 14 9.98 -14.84 -6.55
CA SER B 14 9.89 -14.82 -5.07
C SER B 14 9.00 -13.67 -4.59
N ILE B 15 8.56 -13.79 -3.34
CA ILE B 15 7.75 -12.76 -2.63
C ILE B 15 8.59 -12.33 -1.43
N VAL B 16 8.66 -11.02 -1.18
CA VAL B 16 9.44 -10.42 -0.05
C VAL B 16 8.42 -9.78 0.89
N ILE B 17 8.34 -10.26 2.13
CA ILE B 17 7.33 -9.77 3.11
C ILE B 17 8.02 -8.81 4.10
N ASP B 18 7.52 -7.57 4.16
CA ASP B 18 8.07 -6.51 5.05
C ASP B 18 6.97 -5.94 5.95
N PRO B 19 6.87 -6.36 7.24
CA PRO B 19 5.88 -5.78 8.14
C PRO B 19 6.28 -4.35 8.52
N THR B 20 5.31 -3.44 8.61
CA THR B 20 5.59 -2.03 9.01
C THR B 20 4.53 -1.60 10.02
N GLU B 21 4.60 -0.34 10.48
CA GLU B 21 3.66 0.18 11.52
C GLU B 21 2.21 0.00 11.03
N ALA B 22 1.88 0.56 9.87
CA ALA B 22 0.51 0.60 9.29
C ALA B 22 0.12 -0.65 8.50
N LEU B 23 1.08 -1.38 7.93
CA LEU B 23 0.68 -2.52 7.08
C LEU B 23 1.86 -3.42 6.76
N THR B 24 1.57 -4.57 6.15
CA THR B 24 2.61 -5.51 5.70
C THR B 24 2.72 -5.34 4.19
N SER B 25 3.91 -5.05 3.68
CA SER B 25 4.01 -4.94 2.20
C SER B 25 4.62 -6.23 1.69
N ILE B 26 4.19 -6.66 0.52
CA ILE B 26 4.71 -7.90 -0.11
C ILE B 26 5.14 -7.51 -1.52
N ASP B 27 6.41 -7.71 -1.85
CA ASP B 27 6.93 -7.41 -3.21
C ASP B 27 7.03 -8.73 -3.97
N ILE B 28 6.70 -8.73 -5.25
CA ILE B 28 6.75 -9.94 -6.13
C ILE B 28 7.89 -9.72 -7.12
N ASN B 29 8.83 -10.68 -7.18
CA ASN B 29 10.02 -10.65 -8.05
C ASN B 29 9.96 -11.82 -9.04
N SER B 30 10.10 -11.54 -10.34
CA SER B 30 10.09 -12.58 -11.40
C SER B 30 11.48 -13.22 -11.47
N ALA B 31 11.57 -14.45 -12.01
CA ALA B 31 12.84 -15.19 -12.15
C ALA B 31 13.69 -14.59 -13.28
N LYS B 35 13.46 -15.34 -20.81
CA LYS B 35 14.56 -14.92 -21.73
C LYS B 35 14.14 -15.19 -23.18
N GLY B 36 13.27 -14.35 -23.75
CA GLY B 36 12.82 -14.53 -25.15
C GLY B 36 11.36 -14.92 -25.28
N GLY B 37 10.68 -15.22 -24.17
CA GLY B 37 9.25 -15.58 -24.20
C GLY B 37 8.42 -14.35 -23.90
N ASP B 38 7.14 -14.34 -24.27
CA ASP B 38 6.25 -13.17 -24.00
C ASP B 38 6.21 -12.93 -22.48
N ILE B 39 6.69 -11.76 -22.04
CA ILE B 39 6.75 -11.37 -20.59
C ILE B 39 5.35 -11.39 -19.97
N GLU B 40 4.30 -10.96 -20.70
CA GLU B 40 2.93 -10.94 -20.14
C GLU B 40 2.56 -12.32 -19.57
N GLU B 41 2.75 -13.41 -20.33
CA GLU B 41 2.40 -14.75 -19.80
C GLU B 41 3.32 -15.06 -18.61
N THR B 42 4.56 -14.60 -18.66
CA THR B 42 5.55 -14.81 -17.57
C THR B 42 5.03 -14.08 -16.32
N ALA B 43 4.65 -12.81 -16.53
CA ALA B 43 4.12 -11.94 -15.44
C ALA B 43 2.88 -12.58 -14.81
N LEU B 44 1.94 -13.03 -15.64
CA LEU B 44 0.70 -13.66 -15.12
C LEU B 44 1.04 -14.91 -14.30
N ASN B 45 1.86 -15.81 -14.83
CA ASN B 45 2.22 -17.07 -14.14
C ASN B 45 2.86 -16.77 -12.77
N THR B 46 3.85 -15.88 -12.74
CA THR B 46 4.51 -15.48 -11.46
C THR B 46 3.45 -14.97 -10.48
N ASN B 47 2.63 -14.02 -10.92
CA ASN B 47 1.57 -13.40 -10.07
C ASN B 47 0.61 -14.46 -9.56
N LEU B 48 0.29 -15.47 -10.39
CA LEU B 48 -0.66 -16.52 -9.96
C LEU B 48 0.01 -17.39 -8.90
N GLU B 49 1.31 -17.69 -9.07
CA GLU B 49 2.06 -18.49 -8.08
C GLU B 49 2.18 -17.67 -6.79
N ALA B 50 2.43 -16.36 -6.95
CA ALA B 50 2.56 -15.44 -5.81
C ALA B 50 1.24 -15.40 -5.03
N ALA B 51 0.12 -15.37 -5.74
CA ALA B 51 -1.19 -15.32 -5.06
C ALA B 51 -1.35 -16.55 -4.15
N ASP B 52 -1.04 -17.73 -4.68
CA ASP B 52 -1.14 -18.99 -3.89
C ASP B 52 -0.19 -18.92 -2.68
N GLU B 53 1.05 -18.49 -2.91
CA GLU B 53 2.05 -18.46 -1.81
C GLU B 53 1.67 -17.41 -0.77
N ILE B 54 1.14 -16.26 -1.19
CA ILE B 54 0.71 -15.20 -0.25
C ILE B 54 -0.40 -15.76 0.63
N ALA B 55 -1.38 -16.46 0.04
CA ALA B 55 -2.49 -17.00 0.86
C ALA B 55 -1.91 -17.95 1.91
N ARG B 56 -0.92 -18.75 1.52
CA ARG B 56 -0.27 -19.74 2.43
C ARG B 56 0.44 -19.01 3.58
N GLN B 57 1.27 -18.02 3.26
CA GLN B 57 2.05 -17.24 4.26
C GLN B 57 1.12 -16.47 5.20
N LEU B 58 0.01 -15.93 4.70
CA LEU B 58 -0.96 -15.19 5.57
C LEU B 58 -1.40 -16.09 6.72
N ARG B 59 -1.79 -17.33 6.41
CA ARG B 59 -2.24 -18.30 7.44
C ARG B 59 -1.07 -18.77 8.31
N LEU B 60 0.05 -19.18 7.70
CA LEU B 60 1.22 -19.72 8.44
C LEU B 60 1.75 -18.72 9.48
N ARG B 61 1.87 -17.44 9.12
CA ARG B 61 2.38 -16.39 10.03
C ARG B 61 1.24 -15.77 10.83
N ASP B 62 -0.01 -16.15 10.49
CA ASP B 62 -1.25 -15.62 11.14
C ASP B 62 -1.22 -14.08 11.07
N LEU B 63 -0.86 -13.54 9.90
CA LEU B 63 -0.76 -12.07 9.68
C LEU B 63 -2.11 -11.38 9.93
N GLY B 64 -2.07 -10.22 10.57
CA GLY B 64 -3.29 -9.43 10.82
C GLY B 64 -3.16 -8.04 10.23
N GLY B 65 -4.27 -7.32 10.10
CA GLY B 65 -4.24 -5.94 9.59
C GLY B 65 -4.22 -5.85 8.07
N LEU B 66 -3.73 -4.71 7.58
CA LEU B 66 -3.66 -4.37 6.14
C LEU B 66 -2.41 -4.98 5.52
N VAL B 67 -2.58 -5.44 4.29
CA VAL B 67 -1.49 -6.04 3.46
C VAL B 67 -1.57 -5.36 2.09
N VAL B 68 -0.42 -4.86 1.61
CA VAL B 68 -0.35 -4.24 0.26
C VAL B 68 0.58 -5.13 -0.57
N ILE B 69 0.08 -5.60 -1.70
CA ILE B 69 0.84 -6.52 -2.59
C ILE B 69 1.21 -5.80 -3.89
N ASP B 70 2.49 -5.89 -4.25
CA ASP B 70 3.00 -5.28 -5.50
C ASP B 70 3.15 -6.38 -6.55
N PHE B 71 2.05 -6.74 -7.24
CA PHE B 71 2.07 -7.76 -8.31
C PHE B 71 2.83 -7.22 -9.52
N ILE B 72 3.46 -8.09 -10.29
CA ILE B 72 4.17 -7.64 -11.51
C ILE B 72 3.12 -6.97 -12.40
N ASP B 73 3.46 -5.83 -13.00
CA ASP B 73 2.48 -5.08 -13.83
C ASP B 73 2.04 -5.89 -15.04
N THR B 75 -0.79 -5.50 -18.46
CA THR B 75 -1.62 -4.53 -19.16
C THR B 75 -3.04 -5.04 -19.37
N PRO B 76 -3.26 -6.31 -19.80
CA PRO B 76 -4.62 -6.82 -20.01
C PRO B 76 -5.47 -6.80 -18.74
N VAL B 77 -6.64 -6.14 -18.79
CA VAL B 77 -7.50 -6.08 -17.57
C VAL B 77 -7.97 -7.50 -17.21
N ARG B 78 -8.09 -8.39 -18.21
CA ARG B 78 -8.50 -9.80 -17.97
C ARG B 78 -7.48 -10.48 -17.04
N HIS B 79 -6.19 -10.23 -17.26
CA HIS B 79 -5.04 -10.77 -16.47
C HIS B 79 -5.13 -10.26 -15.03
N GLN B 80 -5.48 -8.98 -14.86
CA GLN B 80 -5.61 -8.39 -13.51
C GLN B 80 -6.71 -9.13 -12.75
N ARG B 81 -7.87 -9.31 -13.37
CA ARG B 81 -9.00 -10.03 -12.71
C ARG B 81 -8.61 -11.48 -12.40
N GLU B 82 -7.89 -12.16 -13.31
N GLU B 82 -7.88 -12.14 -13.29
CA GLU B 82 -7.45 -13.57 -13.09
CA GLU B 82 -7.44 -13.56 -13.10
C GLU B 82 -6.64 -13.63 -11.79
C GLU B 82 -6.63 -13.63 -11.80
N VAL B 83 -5.67 -12.71 -11.63
CA VAL B 83 -4.81 -12.66 -10.41
C VAL B 83 -5.69 -12.35 -9.20
N GLU B 84 -6.57 -11.34 -9.31
CA GLU B 84 -7.47 -10.99 -8.18
C GLU B 84 -8.32 -12.21 -7.82
N ASN B 85 -8.91 -12.86 -8.83
CA ASN B 85 -9.78 -14.04 -8.60
C ASN B 85 -8.95 -15.17 -7.97
N ARG B 86 -7.70 -15.35 -8.42
CA ARG B 86 -6.80 -16.41 -7.88
C ARG B 86 -6.59 -16.17 -6.37
N LEU B 87 -6.30 -14.93 -5.98
CA LEU B 87 -6.08 -14.60 -4.55
C LEU B 87 -7.37 -14.81 -3.75
N ARG B 88 -8.52 -14.35 -4.26
CA ARG B 88 -9.81 -14.54 -3.51
C ARG B 88 -10.07 -16.04 -3.32
N GLU B 89 -9.84 -16.86 -4.36
CA GLU B 89 -10.07 -18.32 -4.26
C GLU B 89 -9.06 -18.96 -3.30
N ALA B 90 -7.80 -18.51 -3.35
CA ALA B 90 -6.73 -19.07 -2.50
C ALA B 90 -7.00 -18.79 -1.01
N VAL B 91 -7.69 -17.69 -0.67
CA VAL B 91 -7.94 -17.32 0.77
C VAL B 91 -9.32 -17.80 1.26
N ARG B 92 -10.24 -18.21 0.38
CA ARG B 92 -11.62 -18.62 0.83
C ARG B 92 -11.56 -19.77 1.85
N VAL B 93 -10.47 -20.54 1.91
CA VAL B 93 -10.36 -21.67 2.89
C VAL B 93 -9.84 -21.15 4.23
N ASP B 94 -9.24 -19.97 4.25
CA ASP B 94 -8.69 -19.35 5.48
C ASP B 94 -9.82 -19.15 6.48
N ARG B 95 -9.61 -19.56 7.73
CA ARG B 95 -10.62 -19.43 8.81
C ARG B 95 -10.82 -17.94 9.15
N ALA B 96 -9.77 -17.13 8.95
CA ALA B 96 -9.79 -15.67 9.27
C ALA B 96 -10.64 -14.89 8.27
N ARG B 97 -11.25 -13.78 8.73
CA ARG B 97 -12.07 -12.90 7.86
C ARG B 97 -11.11 -12.11 6.97
N VAL B 98 -11.28 -12.18 5.64
CA VAL B 98 -10.36 -11.49 4.70
C VAL B 98 -11.15 -10.61 3.72
N GLN B 99 -10.67 -9.38 3.52
CA GLN B 99 -11.22 -8.40 2.55
C GLN B 99 -10.17 -8.23 1.46
N ILE B 100 -10.54 -8.39 0.20
CA ILE B 100 -9.57 -8.27 -0.93
C ILE B 100 -10.03 -7.15 -1.88
N GLY B 101 -9.13 -6.20 -2.17
CA GLY B 101 -9.42 -5.08 -3.09
C GLY B 101 -9.14 -5.48 -4.52
N ARG B 102 -8.73 -4.51 -5.33
CA ARG B 102 -8.42 -4.76 -6.77
C ARG B 102 -7.07 -4.13 -7.07
N ILE B 103 -6.42 -4.54 -8.16
CA ILE B 103 -5.12 -3.92 -8.55
C ILE B 103 -5.44 -2.50 -9.01
N SER B 104 -4.78 -1.50 -8.41
CA SER B 104 -4.97 -0.06 -8.72
C SER B 104 -4.18 0.36 -9.96
N ARG B 105 -4.28 1.65 -10.31
CA ARG B 105 -3.52 2.20 -11.47
C ARG B 105 -2.04 2.27 -11.10
N PHE B 106 -1.71 2.04 -9.82
CA PHE B 106 -0.29 2.05 -9.37
C PHE B 106 0.24 0.61 -9.34
N GLY B 107 -0.61 -0.36 -9.71
CA GLY B 107 -0.21 -1.78 -9.75
C GLY B 107 -0.16 -2.42 -8.37
N LEU B 108 -0.86 -1.85 -7.38
CA LEU B 108 -0.87 -2.41 -6.02
C LEU B 108 -2.25 -2.97 -5.68
N LEU B 109 -2.29 -4.03 -4.88
CA LEU B 109 -3.56 -4.61 -4.42
C LEU B 109 -3.58 -4.50 -2.90
N GLU B 110 -4.67 -3.97 -2.35
CA GLU B 110 -4.83 -3.83 -0.89
C GLU B 110 -5.75 -4.93 -0.40
N SER B 112 -7.06 -7.01 3.65
CA SER B 112 -7.02 -7.01 5.10
C SER B 112 -7.34 -8.42 5.63
N ARG B 113 -6.69 -8.79 6.74
CA ARG B 113 -6.92 -10.12 7.35
C ARG B 113 -7.11 -9.93 8.87
N GLN B 114 -8.25 -10.40 9.39
CA GLN B 114 -8.57 -10.30 10.84
C GLN B 114 -7.88 -11.45 11.59
N ARG B 115 -6.69 -11.17 12.15
CA ARG B 115 -5.89 -12.16 12.93
C ARG B 115 -6.61 -12.49 14.24
#